data_2FMM
#
_entry.id   2FMM
#
_cell.length_a   143.400
_cell.length_b   63.870
_cell.length_c   66.640
_cell.angle_alpha   90.00
_cell.angle_beta   90.00
_cell.angle_gamma   90.00
#
_symmetry.space_group_name_H-M   'P 21 21 2'
#
loop_
_entity.id
_entity.type
_entity.pdbx_description
1 polymer 'Protein EMSY'
2 polymer 'Chromobox protein homolog 1'
3 non-polymer 'SULFATE ION'
4 water water
#
loop_
_entity_poly.entity_id
_entity_poly.type
_entity_poly.pdbx_seq_one_letter_code
_entity_poly.pdbx_strand_id
1 'polypeptide(L)'
;GPLDLSRDECKRILRKLELEAYAGVISALRAQGDLTKEKKDLLGELSKVLSISTERHRAEVRRAVNDERLTTIAHNMSGP
NSSSEWSIEGRRLVPLMPRLVPQTAFTVTANAVANAAIQHNASLPVPAETGSK
;
E
2 'polypeptide(L)' GSKEESEKPRGFARGLEPERIIGATDSSGELMFLMKWKNSDEADLVPAKEANVKCPQVVISFYEERLTWHSYPS A,B,C,D
#
# COMPACT_ATOMS: atom_id res chain seq x y z
N GLY A 1 26.76 -18.66 38.93
CA GLY A 1 27.35 -19.64 37.97
C GLY A 1 26.65 -19.58 36.63
N PRO A 2 27.25 -20.16 35.58
CA PRO A 2 26.67 -20.16 34.24
C PRO A 2 25.26 -20.77 34.16
N LEU A 3 24.99 -21.75 35.00
CA LEU A 3 23.69 -22.42 34.98
C LEU A 3 22.62 -21.77 35.86
N ASP A 4 22.97 -20.67 36.50
CA ASP A 4 22.00 -19.97 37.34
C ASP A 4 21.25 -18.96 36.48
N LEU A 5 20.25 -19.47 35.79
CA LEU A 5 19.44 -18.68 34.87
C LEU A 5 18.03 -18.46 35.41
N SER A 6 17.54 -17.23 35.33
CA SER A 6 16.20 -16.92 35.78
C SER A 6 15.21 -17.49 34.78
N ARG A 7 13.95 -17.62 35.18
CA ARG A 7 12.93 -18.14 34.29
C ARG A 7 12.86 -17.27 33.05
N ASP A 8 12.93 -15.95 33.25
CA ASP A 8 12.89 -15.01 32.14
C ASP A 8 14.08 -15.18 31.21
N GLU A 9 15.27 -15.34 31.78
CA GLU A 9 16.47 -15.53 30.98
C GLU A 9 16.35 -16.81 30.17
N CYS A 10 15.75 -17.84 30.76
CA CYS A 10 15.58 -19.10 30.07
C CYS A 10 14.66 -18.88 28.87
N LYS A 11 13.58 -18.11 29.08
CA LYS A 11 12.66 -17.86 27.98
C LYS A 11 13.35 -17.11 26.84
N ARG A 12 14.19 -16.14 27.18
CA ARG A 12 14.90 -15.39 26.15
C ARG A 12 15.85 -16.28 25.38
N ILE A 13 16.59 -17.12 26.09
CA ILE A 13 17.53 -18.03 25.44
C ILE A 13 16.78 -18.99 24.53
N LEU A 14 15.69 -19.56 25.02
CA LEU A 14 14.91 -20.49 24.22
C LEU A 14 14.42 -19.81 22.95
N ARG A 15 13.87 -18.60 23.07
CA ARG A 15 13.39 -17.92 21.89
C ARG A 15 14.52 -17.71 20.89
N LYS A 16 15.71 -17.38 21.38
CA LYS A 16 16.86 -17.19 20.51
C LYS A 16 17.25 -18.50 19.82
N LEU A 17 17.17 -19.60 20.57
CA LEU A 17 17.50 -20.91 20.01
C LEU A 17 16.50 -21.28 18.92
N GLU A 18 15.23 -20.93 19.15
CA GLU A 18 14.19 -21.25 18.18
C GLU A 18 14.39 -20.47 16.89
N LEU A 19 14.70 -19.17 17.01
CA LEU A 19 14.92 -18.34 15.82
C LEU A 19 16.16 -18.81 15.05
N GLU A 20 17.26 -19.07 15.77
CA GLU A 20 18.49 -19.52 15.12
C GLU A 20 18.28 -20.87 14.44
N ALA A 21 17.48 -21.73 15.08
CA ALA A 21 17.21 -23.04 14.53
C ALA A 21 16.45 -22.90 13.21
N TYR A 22 15.41 -22.08 13.20
CA TYR A 22 14.62 -21.88 11.98
C TYR A 22 15.46 -21.26 10.87
N ALA A 23 16.22 -20.22 11.22
CA ALA A 23 17.09 -19.54 10.26
C ALA A 23 18.08 -20.52 9.63
N GLY A 24 18.62 -21.40 10.46
CA GLY A 24 19.58 -22.37 10.00
C GLY A 24 19.02 -23.32 8.97
N VAL A 25 17.78 -23.76 9.18
CA VAL A 25 17.13 -24.67 8.24
C VAL A 25 16.84 -23.91 6.95
N ILE A 26 16.36 -22.67 7.07
CA ILE A 26 16.08 -21.87 5.87
C ILE A 26 17.36 -21.75 5.03
N SER A 27 18.48 -21.44 5.69
CA SER A 27 19.75 -21.30 4.98
C SER A 27 20.14 -22.59 4.25
N ALA A 28 20.06 -23.72 4.96
CA ALA A 28 20.41 -25.01 4.37
C ALA A 28 19.53 -25.35 3.18
N LEU A 29 18.22 -25.17 3.32
CA LEU A 29 17.30 -25.48 2.23
C LEU A 29 17.52 -24.56 1.04
N ARG A 30 17.78 -23.28 1.29
CA ARG A 30 17.99 -22.35 0.19
C ARG A 30 19.23 -22.75 -0.58
N ALA A 31 20.26 -23.20 0.13
CA ALA A 31 21.51 -23.62 -0.49
C ALA A 31 21.34 -24.88 -1.35
N GLN A 32 20.35 -25.71 -1.02
CA GLN A 32 20.11 -26.93 -1.79
C GLN A 32 19.52 -26.62 -3.16
N GLY A 33 18.72 -25.56 -3.24
CA GLY A 33 18.08 -25.19 -4.49
C GLY A 33 16.79 -24.44 -4.22
N ASP A 34 15.89 -24.40 -5.21
CA ASP A 34 14.63 -23.69 -5.04
C ASP A 34 13.69 -24.41 -4.06
N LEU A 35 12.70 -23.68 -3.57
CA LEU A 35 11.73 -24.22 -2.63
C LEU A 35 10.81 -25.21 -3.34
N THR A 36 10.44 -26.27 -2.64
CA THR A 36 9.56 -27.31 -3.18
C THR A 36 8.40 -27.50 -2.20
N LYS A 37 7.37 -28.21 -2.65
CA LYS A 37 6.21 -28.46 -1.80
C LYS A 37 6.65 -29.23 -0.57
N GLU A 38 7.49 -30.22 -0.76
CA GLU A 38 7.99 -31.03 0.36
C GLU A 38 8.64 -30.14 1.41
N LYS A 39 9.54 -29.26 0.96
CA LYS A 39 10.23 -28.37 1.86
C LYS A 39 9.32 -27.33 2.48
N LYS A 40 8.32 -26.86 1.72
CA LYS A 40 7.39 -25.88 2.25
C LYS A 40 6.60 -26.50 3.39
N ASP A 41 6.14 -27.74 3.22
CA ASP A 41 5.39 -28.41 4.26
C ASP A 41 6.25 -28.60 5.51
N LEU A 42 7.51 -28.98 5.29
CA LEU A 42 8.44 -29.18 6.40
C LEU A 42 8.61 -27.88 7.19
N LEU A 43 8.80 -26.78 6.47
CA LEU A 43 8.96 -25.48 7.13
C LEU A 43 7.70 -25.09 7.89
N GLY A 44 6.54 -25.47 7.37
CA GLY A 44 5.30 -25.16 8.05
C GLY A 44 5.25 -25.86 9.40
N GLU A 45 5.67 -27.12 9.42
CA GLU A 45 5.67 -27.88 10.67
C GLU A 45 6.73 -27.33 11.61
N LEU A 46 7.86 -26.96 11.04
CA LEU A 46 8.95 -26.42 11.85
C LEU A 46 8.58 -25.09 12.49
N SER A 47 7.95 -24.20 11.72
CA SER A 47 7.57 -22.90 12.26
C SER A 47 6.51 -23.05 13.33
N LYS A 48 5.70 -24.10 13.21
CA LYS A 48 4.65 -24.34 14.19
C LYS A 48 5.30 -24.75 15.51
N VAL A 49 6.17 -25.75 15.43
CA VAL A 49 6.86 -26.28 16.60
C VAL A 49 7.82 -25.29 17.25
N LEU A 50 8.43 -24.42 16.45
CA LEU A 50 9.37 -23.43 16.97
C LEU A 50 8.73 -22.06 17.20
N SER A 51 7.41 -22.00 17.05
CA SER A 51 6.67 -20.75 17.24
C SER A 51 7.23 -19.57 16.44
N ILE A 52 7.40 -19.78 15.14
CA ILE A 52 7.90 -18.75 14.24
C ILE A 52 6.71 -18.22 13.45
N SER A 53 6.45 -16.92 13.56
CA SER A 53 5.31 -16.32 12.88
C SER A 53 5.48 -16.32 11.36
N THR A 54 4.37 -16.12 10.66
CA THR A 54 4.37 -16.09 9.20
C THR A 54 5.29 -14.99 8.68
N GLU A 55 5.21 -13.78 9.24
CA GLU A 55 6.05 -12.71 8.75
C GLU A 55 7.53 -12.83 9.13
N ARG A 56 7.82 -13.52 10.24
CA ARG A 56 9.21 -13.71 10.61
C ARG A 56 9.75 -14.72 9.59
N HIS A 57 8.91 -15.69 9.25
CA HIS A 57 9.27 -16.70 8.26
C HIS A 57 9.61 -16.06 6.92
N ARG A 58 8.72 -15.20 6.43
CA ARG A 58 8.96 -14.55 5.15
C ARG A 58 10.23 -13.71 5.17
N ALA A 59 10.49 -13.04 6.29
CA ALA A 59 11.70 -12.22 6.41
C ALA A 59 12.94 -13.10 6.35
N GLU A 60 12.89 -14.29 6.93
CA GLU A 60 14.03 -15.19 6.91
C GLU A 60 14.25 -15.68 5.49
N VAL A 61 13.17 -15.97 4.78
CA VAL A 61 13.28 -16.42 3.40
C VAL A 61 13.98 -15.32 2.59
N ARG A 62 13.55 -14.07 2.75
CA ARG A 62 14.16 -12.98 2.02
C ARG A 62 15.64 -12.88 2.34
N ARG A 63 15.99 -13.06 3.60
CA ARG A 63 17.39 -12.99 4.01
C ARG A 63 18.21 -14.02 3.24
N ALA A 64 17.72 -15.25 3.17
CA ALA A 64 18.43 -16.31 2.48
C ALA A 64 18.48 -16.09 0.97
N VAL A 65 17.39 -15.58 0.40
CA VAL A 65 17.34 -15.33 -1.03
C VAL A 65 18.35 -14.24 -1.38
N ASN A 66 18.49 -13.28 -0.48
CA ASN A 66 19.40 -12.15 -0.67
C ASN A 66 20.88 -12.51 -0.43
N ASP A 67 21.14 -13.68 0.15
CA ASP A 67 22.51 -14.12 0.44
C ASP A 67 23.18 -14.66 -0.83
N GLU A 68 24.18 -13.95 -1.32
CA GLU A 68 24.87 -14.35 -2.55
C GLU A 68 25.62 -15.65 -2.41
N ARG A 69 26.12 -15.95 -1.21
CA ARG A 69 26.86 -17.19 -1.01
C ARG A 69 25.91 -18.39 -1.12
N LEU A 70 24.77 -18.32 -0.44
CA LEU A 70 23.81 -19.41 -0.51
C LEU A 70 23.30 -19.54 -1.94
N THR A 71 23.10 -18.42 -2.61
CA THR A 71 22.62 -18.43 -3.98
C THR A 71 23.64 -19.14 -4.88
N THR A 72 24.91 -18.80 -4.69
CA THR A 72 25.97 -19.39 -5.48
C THR A 72 26.08 -20.91 -5.24
N ILE A 73 25.88 -21.33 -3.99
CA ILE A 73 25.94 -22.75 -3.66
C ILE A 73 24.80 -23.46 -4.38
N ALA A 74 23.61 -22.87 -4.32
CA ALA A 74 22.43 -23.44 -4.95
C ALA A 74 22.65 -23.61 -6.45
N HIS A 75 23.25 -22.60 -7.08
CA HIS A 75 23.50 -22.67 -8.52
C HIS A 75 24.43 -23.84 -8.85
N ASN A 76 25.39 -24.10 -7.96
CA ASN A 76 26.33 -25.19 -8.14
C ASN A 76 25.73 -26.55 -7.83
N MET A 77 24.79 -26.58 -6.89
CA MET A 77 24.16 -27.84 -6.48
C MET A 77 23.02 -28.29 -7.39
N SER A 78 22.16 -27.35 -7.78
CA SER A 78 21.02 -27.70 -8.62
C SER A 78 20.78 -26.77 -9.82
N GLY A 79 21.81 -26.01 -10.19
CA GLY A 79 21.72 -25.12 -11.33
C GLY A 79 20.88 -23.87 -11.20
N PRO A 80 20.56 -23.20 -12.32
CA PRO A 80 19.74 -21.98 -12.30
C PRO A 80 18.36 -22.30 -11.74
N ASN A 81 17.43 -21.37 -11.89
CA ASN A 81 16.08 -21.57 -11.40
C ASN A 81 16.11 -22.09 -9.96
N SER A 82 16.88 -21.42 -9.11
CA SER A 82 16.99 -21.84 -7.73
C SER A 82 16.34 -20.86 -6.76
N SER A 83 15.59 -19.89 -7.28
CA SER A 83 14.96 -18.92 -6.38
C SER A 83 13.55 -18.46 -6.75
N SER A 84 13.00 -18.91 -7.87
CA SER A 84 11.67 -18.48 -8.26
C SER A 84 10.62 -18.73 -7.18
N GLU A 85 10.58 -19.96 -6.67
CA GLU A 85 9.62 -20.33 -5.63
C GLU A 85 9.92 -19.65 -4.29
N TRP A 86 11.20 -19.49 -3.98
CA TRP A 86 11.58 -18.83 -2.74
C TRP A 86 11.12 -17.37 -2.80
N SER A 87 11.29 -16.75 -3.97
CA SER A 87 10.90 -15.35 -4.16
C SER A 87 9.42 -15.12 -3.91
N ILE A 88 8.60 -16.11 -4.26
CA ILE A 88 7.17 -16.01 -4.04
C ILE A 88 6.87 -16.28 -2.57
N GLU A 89 7.57 -17.24 -1.99
CA GLU A 89 7.39 -17.58 -0.59
C GLU A 89 7.74 -16.40 0.31
N GLY A 90 8.71 -15.60 -0.11
CA GLY A 90 9.12 -14.45 0.68
C GLY A 90 8.47 -13.15 0.27
N ARG A 91 7.34 -13.26 -0.43
CA ARG A 91 6.61 -12.09 -0.90
C ARG A 91 6.37 -11.09 0.23
N ARG A 92 6.34 -9.81 -0.14
CA ARG A 92 6.17 -8.73 0.81
C ARG A 92 5.28 -7.61 0.30
N LEU A 93 4.79 -6.80 1.22
CA LEU A 93 3.95 -5.66 0.87
C LEU A 93 4.89 -4.51 0.53
N VAL A 94 4.70 -3.91 -0.64
CA VAL A 94 5.53 -2.80 -1.06
C VAL A 94 4.72 -1.72 -1.77
N PRO A 95 5.19 -0.48 -1.69
CA PRO A 95 4.46 0.59 -2.38
C PRO A 95 4.78 0.33 -3.85
N LEU A 96 3.78 0.06 -4.66
CA LEU A 96 4.01 -0.22 -6.08
C LEU A 96 3.37 0.87 -6.93
N MET A 97 4.16 1.52 -7.77
CA MET A 97 3.61 2.59 -8.59
C MET A 97 4.52 2.93 -9.76
N PRO A 98 3.95 3.55 -10.80
CA PRO A 98 4.76 3.93 -11.96
C PRO A 98 5.48 5.22 -11.60
N ARG A 99 6.66 5.44 -12.17
CA ARG A 99 7.37 6.69 -11.88
C ARG A 99 6.53 7.82 -12.44
N LEU A 100 6.53 8.94 -11.73
CA LEU A 100 5.77 10.11 -12.12
C LEU A 100 6.16 10.63 -13.50
N VAL A 101 5.15 10.88 -14.32
CA VAL A 101 5.32 11.46 -15.65
C VAL A 101 4.01 12.21 -15.86
N PRO A 102 4.07 13.39 -16.49
CA PRO A 102 2.85 14.17 -16.73
C PRO A 102 1.61 13.36 -17.12
N GLN A 103 1.76 12.53 -18.16
CA GLN A 103 0.65 11.72 -18.64
C GLN A 103 0.07 10.79 -17.58
N THR A 104 0.75 10.64 -16.45
CA THR A 104 0.26 9.77 -15.39
C THR A 104 0.07 10.50 -14.07
N ALA A 105 0.39 11.80 -14.05
CA ALA A 105 0.21 12.60 -12.86
C ALA A 105 -1.31 12.73 -12.75
N PHE A 106 -1.92 11.81 -12.01
CA PHE A 106 -3.37 11.79 -11.89
C PHE A 106 -3.94 12.05 -10.50
N THR A 107 -5.14 12.64 -10.50
CA THR A 107 -5.85 12.93 -9.26
C THR A 107 -7.29 13.31 -9.62
N VAL A 108 -8.17 13.15 -8.65
CA VAL A 108 -9.57 13.51 -8.82
C VAL A 108 -9.72 14.76 -7.98
N THR A 109 -10.17 15.85 -8.59
CA THR A 109 -10.35 17.10 -7.87
C THR A 109 -11.81 17.50 -7.90
N ALA A 110 -12.35 17.87 -6.74
CA ALA A 110 -13.74 18.26 -6.62
C ALA A 110 -13.93 19.57 -5.87
N ASN A 111 -15.10 20.17 -6.05
CA ASN A 111 -15.47 21.40 -5.35
C ASN A 111 -16.29 20.94 -4.15
N ALA A 112 -15.74 21.09 -2.94
CA ALA A 112 -16.42 20.66 -1.72
C ALA A 112 -17.78 21.33 -1.52
N VAL A 113 -18.74 20.56 -0.98
CA VAL A 113 -20.08 21.06 -0.71
C VAL A 113 -20.30 21.44 0.75
N ALA A 114 -21.56 21.72 1.09
CA ALA A 114 -21.95 22.11 2.46
C ALA A 114 -22.21 20.92 3.38
N ASN A 115 -23.33 20.94 4.11
CA ASN A 115 -23.64 19.85 5.05
C ASN A 115 -25.13 19.50 5.23
N ALA A 116 -25.37 18.48 6.07
CA ALA A 116 -26.70 17.97 6.41
C ALA A 116 -27.62 17.73 5.21
N ALA A 117 -28.84 18.25 5.30
CA ALA A 117 -29.83 18.11 4.23
C ALA A 117 -29.83 19.42 3.45
N ILE A 118 -29.84 19.32 2.12
CA ILE A 118 -29.82 20.51 1.28
C ILE A 118 -30.83 20.41 0.13
N GLU B 7 0.00 -12.97 -28.25
CA GLU B 7 -0.71 -14.28 -28.19
C GLU B 7 -1.11 -14.64 -26.76
N LYS B 8 -0.29 -14.24 -25.80
CA LYS B 8 -0.58 -14.54 -24.41
C LYS B 8 -1.72 -13.66 -23.92
N PRO B 9 -2.55 -14.18 -23.01
CA PRO B 9 -3.69 -13.42 -22.47
C PRO B 9 -3.25 -12.12 -21.80
N ARG B 10 -4.10 -11.11 -21.86
CA ARG B 10 -3.80 -9.81 -21.24
C ARG B 10 -5.00 -9.31 -20.47
N GLY B 11 -4.75 -8.48 -19.46
CA GLY B 11 -5.85 -7.95 -18.68
C GLY B 11 -6.67 -9.02 -17.98
N PHE B 12 -7.99 -8.83 -17.93
CA PHE B 12 -8.86 -9.79 -17.27
C PHE B 12 -8.80 -11.19 -17.86
N ALA B 13 -8.33 -11.30 -19.10
CA ALA B 13 -8.23 -12.61 -19.75
C ALA B 13 -7.19 -13.52 -19.10
N ARG B 14 -6.33 -12.95 -18.26
CA ARG B 14 -5.31 -13.73 -17.60
C ARG B 14 -5.91 -14.57 -16.47
N GLY B 15 -7.19 -14.34 -16.18
CA GLY B 15 -7.86 -15.09 -15.14
C GLY B 15 -7.38 -14.84 -13.73
N LEU B 16 -6.86 -13.64 -13.48
CA LEU B 16 -6.37 -13.28 -12.16
C LEU B 16 -7.37 -12.36 -11.47
N GLU B 17 -7.29 -12.30 -10.15
CA GLU B 17 -8.18 -11.45 -9.36
C GLU B 17 -7.50 -10.09 -9.21
N PRO B 18 -8.25 -8.99 -9.39
CA PRO B 18 -7.64 -7.67 -9.23
C PRO B 18 -7.12 -7.46 -7.81
N GLU B 19 -5.98 -6.81 -7.66
CA GLU B 19 -5.47 -6.53 -6.33
C GLU B 19 -5.58 -5.03 -6.09
N ARG B 20 -5.04 -4.25 -7.02
CA ARG B 20 -5.08 -2.80 -6.89
C ARG B 20 -4.72 -2.11 -8.20
N ILE B 21 -5.40 -1.00 -8.48
CA ILE B 21 -5.11 -0.21 -9.66
C ILE B 21 -3.96 0.71 -9.24
N ILE B 22 -2.89 0.76 -10.03
CA ILE B 22 -1.75 1.59 -9.67
C ILE B 22 -1.51 2.75 -10.62
N GLY B 23 -2.39 2.91 -11.60
CA GLY B 23 -2.23 4.01 -12.55
C GLY B 23 -3.40 4.14 -13.51
N ALA B 24 -3.49 5.28 -14.18
CA ALA B 24 -4.57 5.53 -15.14
C ALA B 24 -4.07 6.52 -16.19
N THR B 25 -4.43 6.27 -17.46
CA THR B 25 -4.01 7.15 -18.55
C THR B 25 -4.98 7.16 -19.72
N ASP B 26 -4.74 8.07 -20.67
CA ASP B 26 -5.56 8.20 -21.87
C ASP B 26 -4.79 7.78 -23.12
N SER B 27 -5.44 6.97 -23.94
CA SER B 27 -4.83 6.47 -25.17
C SER B 27 -5.95 6.29 -26.19
N SER B 28 -5.72 6.75 -27.41
CA SER B 28 -6.71 6.66 -28.48
C SER B 28 -8.03 7.31 -28.09
N GLY B 29 -8.13 7.72 -26.83
CA GLY B 29 -9.34 8.37 -26.35
C GLY B 29 -10.17 7.53 -25.39
N GLU B 30 -9.53 6.61 -24.68
CA GLU B 30 -10.24 5.78 -23.72
C GLU B 30 -9.50 5.64 -22.40
N LEU B 31 -10.24 5.74 -21.31
CA LEU B 31 -9.64 5.63 -19.99
C LEU B 31 -9.21 4.19 -19.72
N MET B 32 -7.95 4.02 -19.36
CA MET B 32 -7.38 2.71 -19.07
C MET B 32 -6.76 2.70 -17.68
N PHE B 33 -6.80 1.55 -17.01
CA PHE B 33 -6.22 1.40 -15.68
C PHE B 33 -5.06 0.42 -15.72
N LEU B 34 -3.97 0.74 -15.02
CA LEU B 34 -2.83 -0.16 -14.95
C LEU B 34 -3.18 -0.99 -13.72
N MET B 35 -3.53 -2.25 -13.96
CA MET B 35 -3.96 -3.13 -12.88
C MET B 35 -2.92 -4.07 -12.33
N LYS B 36 -2.74 -4.05 -11.01
CA LYS B 36 -1.84 -4.96 -10.35
C LYS B 36 -2.77 -6.11 -9.97
N TRP B 37 -2.46 -7.32 -10.42
CA TRP B 37 -3.28 -8.50 -10.14
C TRP B 37 -2.73 -9.29 -8.95
N LYS B 38 -3.61 -9.98 -8.24
CA LYS B 38 -3.15 -10.79 -7.12
C LYS B 38 -2.31 -11.95 -7.66
N ASN B 39 -1.23 -12.27 -6.95
CA ASN B 39 -0.36 -13.38 -7.31
C ASN B 39 0.45 -13.25 -8.59
N SER B 40 0.66 -12.02 -9.04
CA SER B 40 1.48 -11.76 -10.21
C SER B 40 2.13 -10.41 -10.05
N ASP B 41 3.42 -10.34 -10.38
CA ASP B 41 4.15 -9.09 -10.27
C ASP B 41 3.90 -8.21 -11.49
N GLU B 42 3.42 -8.81 -12.57
CA GLU B 42 3.20 -8.07 -13.81
C GLU B 42 1.83 -7.42 -13.95
N ALA B 43 1.81 -6.10 -13.87
CA ALA B 43 0.57 -5.36 -14.00
C ALA B 43 0.37 -4.99 -15.48
N ASP B 44 -0.87 -4.88 -15.91
CA ASP B 44 -1.15 -4.49 -17.28
C ASP B 44 -2.42 -3.66 -17.39
N LEU B 45 -2.68 -3.15 -18.58
CA LEU B 45 -3.84 -2.29 -18.80
C LEU B 45 -5.16 -2.99 -19.03
N VAL B 46 -6.22 -2.38 -18.50
CA VAL B 46 -7.57 -2.87 -18.66
C VAL B 46 -8.45 -1.63 -18.85
N PRO B 47 -9.48 -1.73 -19.71
CA PRO B 47 -10.35 -0.58 -19.93
C PRO B 47 -11.11 -0.25 -18.66
N ALA B 48 -11.25 1.03 -18.35
CA ALA B 48 -11.98 1.43 -17.16
C ALA B 48 -13.41 0.90 -17.26
N LYS B 49 -13.96 0.89 -18.48
CA LYS B 49 -15.31 0.40 -18.70
C LYS B 49 -15.49 -1.01 -18.16
N GLU B 50 -14.48 -1.85 -18.38
CA GLU B 50 -14.52 -3.23 -17.92
C GLU B 50 -14.29 -3.31 -16.42
N ALA B 51 -13.30 -2.58 -15.92
CA ALA B 51 -13.01 -2.59 -14.50
C ALA B 51 -14.19 -2.08 -13.67
N ASN B 52 -14.87 -1.05 -14.16
CA ASN B 52 -16.01 -0.50 -13.43
C ASN B 52 -17.03 -1.58 -13.11
N VAL B 53 -17.23 -2.49 -14.06
CA VAL B 53 -18.20 -3.57 -13.90
C VAL B 53 -17.67 -4.77 -13.12
N LYS B 54 -16.46 -5.21 -13.46
CA LYS B 54 -15.88 -6.39 -12.81
C LYS B 54 -15.28 -6.19 -11.42
N CYS B 55 -14.73 -5.02 -11.12
CA CYS B 55 -14.18 -4.77 -9.79
C CYS B 55 -14.45 -3.34 -9.36
N PRO B 56 -15.73 -3.00 -9.15
CA PRO B 56 -16.09 -1.65 -8.74
C PRO B 56 -15.41 -1.11 -7.49
N GLN B 57 -15.28 -1.94 -6.44
CA GLN B 57 -14.63 -1.45 -5.22
C GLN B 57 -13.15 -1.15 -5.44
N VAL B 58 -12.51 -1.89 -6.33
CA VAL B 58 -11.09 -1.64 -6.64
C VAL B 58 -10.98 -0.30 -7.35
N VAL B 59 -11.90 -0.05 -8.28
CA VAL B 59 -11.91 1.22 -9.01
C VAL B 59 -12.19 2.37 -8.05
N ILE B 60 -13.22 2.21 -7.20
CA ILE B 60 -13.55 3.25 -6.24
C ILE B 60 -12.40 3.57 -5.29
N SER B 61 -11.72 2.54 -4.80
CA SER B 61 -10.60 2.74 -3.89
C SER B 61 -9.51 3.60 -4.57
N PHE B 62 -9.23 3.29 -5.83
CA PHE B 62 -8.23 4.04 -6.58
C PHE B 62 -8.56 5.54 -6.59
N TYR B 63 -9.81 5.86 -6.90
CA TYR B 63 -10.25 7.25 -6.94
C TYR B 63 -10.30 7.90 -5.56
N GLU B 64 -10.95 7.22 -4.63
CA GLU B 64 -11.13 7.75 -3.28
C GLU B 64 -9.85 8.16 -2.58
N GLU B 65 -8.82 7.32 -2.67
CA GLU B 65 -7.56 7.62 -2.00
C GLU B 65 -6.74 8.71 -2.69
N ARG B 66 -7.26 9.22 -3.81
CA ARG B 66 -6.58 10.27 -4.56
C ARG B 66 -7.41 11.55 -4.63
N LEU B 67 -8.55 11.56 -3.96
CA LEU B 67 -9.43 12.73 -3.98
C LEU B 67 -8.79 13.97 -3.39
N THR B 68 -8.84 15.07 -4.13
CA THR B 68 -8.32 16.35 -3.68
C THR B 68 -9.40 17.41 -3.88
N TRP B 69 -9.21 18.58 -3.30
CA TRP B 69 -10.20 19.65 -3.39
C TRP B 69 -9.67 20.92 -4.03
N HIS B 70 -10.54 21.62 -4.77
CA HIS B 70 -10.14 22.88 -5.40
C HIS B 70 -9.88 23.87 -4.28
N SER B 71 -10.75 23.85 -3.28
CA SER B 71 -10.64 24.70 -2.09
C SER B 71 -10.85 23.78 -0.90
N TYR B 72 -9.82 23.59 -0.09
CA TYR B 72 -9.93 22.68 1.05
C TYR B 72 -11.10 23.01 1.97
N PRO B 73 -11.95 22.02 2.25
CA PRO B 73 -13.12 22.19 3.13
C PRO B 73 -12.78 22.38 4.60
N SER B 74 -13.71 23.02 5.32
CA SER B 74 -13.53 23.24 6.74
C SER B 74 -14.80 22.89 7.50
N LYS C 8 -36.31 10.49 12.45
CA LYS C 8 -36.91 10.25 11.10
C LYS C 8 -35.84 9.76 10.14
N PRO C 9 -36.17 8.80 9.26
CA PRO C 9 -35.21 8.26 8.30
C PRO C 9 -34.54 9.32 7.42
N ARG C 10 -33.20 9.25 7.33
CA ARG C 10 -32.44 10.18 6.52
C ARG C 10 -31.45 9.40 5.65
N GLY C 11 -30.96 10.03 4.59
CA GLY C 11 -30.01 9.37 3.72
C GLY C 11 -30.56 8.10 3.09
N PHE C 12 -29.74 7.06 3.00
CA PHE C 12 -30.19 5.81 2.39
C PHE C 12 -31.37 5.20 3.11
N ALA C 13 -31.56 5.59 4.37
CA ALA C 13 -32.66 5.07 5.17
C ALA C 13 -34.02 5.53 4.63
N ARG C 14 -34.00 6.49 3.71
CA ARG C 14 -35.25 6.97 3.11
C ARG C 14 -35.76 5.96 2.09
N GLY C 15 -34.89 5.02 1.71
CA GLY C 15 -35.25 3.99 0.75
C GLY C 15 -35.46 4.46 -0.67
N LEU C 16 -34.91 5.62 -1.00
CA LEU C 16 -35.05 6.19 -2.34
C LEU C 16 -33.93 5.72 -3.27
N GLU C 17 -34.20 5.78 -4.58
CA GLU C 17 -33.21 5.38 -5.56
C GLU C 17 -32.23 6.51 -5.83
N PRO C 18 -30.91 6.23 -5.76
CA PRO C 18 -29.92 7.28 -6.02
C PRO C 18 -30.03 7.76 -7.46
N GLU C 19 -29.93 9.07 -7.66
CA GLU C 19 -29.99 9.62 -9.01
C GLU C 19 -28.56 9.96 -9.42
N ARG C 20 -27.90 10.78 -8.61
CA ARG C 20 -26.52 11.17 -8.89
C ARG C 20 -25.93 11.92 -7.71
N ILE C 21 -24.61 11.86 -7.57
CA ILE C 21 -23.94 12.57 -6.51
C ILE C 21 -23.68 13.98 -7.01
N ILE C 22 -24.20 14.98 -6.31
CA ILE C 22 -24.01 16.36 -6.75
C ILE C 22 -22.78 17.02 -6.15
N GLY C 23 -22.23 16.43 -5.10
CA GLY C 23 -21.05 17.00 -4.48
C GLY C 23 -20.49 16.13 -3.38
N ALA C 24 -19.34 16.51 -2.85
CA ALA C 24 -18.71 15.74 -1.77
C ALA C 24 -17.91 16.66 -0.84
N THR C 25 -17.59 16.13 0.33
CA THR C 25 -16.80 16.85 1.33
C THR C 25 -16.36 15.86 2.42
N ASP C 26 -15.18 16.08 2.97
CA ASP C 26 -14.65 15.20 4.02
C ASP C 26 -14.26 15.98 5.26
N SER C 27 -14.83 17.17 5.42
CA SER C 27 -14.52 18.02 6.56
C SER C 27 -14.96 17.42 7.89
N SER C 28 -15.89 16.47 7.83
CA SER C 28 -16.41 15.85 9.05
C SER C 28 -15.49 14.76 9.62
N GLY C 29 -14.47 14.39 8.86
CA GLY C 29 -13.55 13.36 9.31
C GLY C 29 -13.60 12.15 8.40
N GLU C 30 -14.67 12.06 7.62
CA GLU C 30 -14.83 10.95 6.68
C GLU C 30 -15.48 11.52 5.43
N LEU C 31 -15.26 10.87 4.29
CA LEU C 31 -15.83 11.34 3.03
C LEU C 31 -17.34 11.18 3.02
N MET C 32 -18.04 12.26 2.68
CA MET C 32 -19.50 12.26 2.60
C MET C 32 -19.90 12.73 1.20
N PHE C 33 -20.99 12.17 0.67
CA PHE C 33 -21.50 12.55 -0.64
C PHE C 33 -22.86 13.20 -0.51
N LEU C 34 -23.09 14.28 -1.26
CA LEU C 34 -24.38 14.96 -1.25
C LEU C 34 -25.14 14.23 -2.35
N MET C 35 -26.09 13.39 -1.94
CA MET C 35 -26.84 12.58 -2.89
C MET C 35 -28.19 13.15 -3.32
N LYS C 36 -28.41 13.18 -4.63
CA LYS C 36 -29.68 13.63 -5.18
C LYS C 36 -30.42 12.31 -5.40
N TRP C 37 -31.65 12.20 -4.90
CA TRP C 37 -32.42 10.98 -5.06
C TRP C 37 -33.48 11.17 -6.14
N LYS C 38 -33.82 10.10 -6.83
CA LYS C 38 -34.84 10.18 -7.87
C LYS C 38 -36.17 10.57 -7.23
N ASN C 39 -36.94 11.40 -7.93
CA ASN C 39 -38.24 11.85 -7.46
C ASN C 39 -38.22 12.62 -6.14
N SER C 40 -37.15 13.37 -5.89
CA SER C 40 -37.05 14.16 -4.67
C SER C 40 -36.02 15.27 -4.85
N ASP C 41 -36.38 16.48 -4.43
CA ASP C 41 -35.47 17.62 -4.54
C ASP C 41 -34.73 17.83 -3.21
N GLU C 42 -34.95 16.93 -2.27
CA GLU C 42 -34.30 17.00 -0.98
C GLU C 42 -33.08 16.08 -0.97
N ALA C 43 -31.89 16.67 -1.07
CA ALA C 43 -30.65 15.91 -1.09
C ALA C 43 -30.14 15.64 0.33
N ASP C 44 -29.44 14.52 0.50
CA ASP C 44 -28.90 14.12 1.79
C ASP C 44 -27.40 13.89 1.70
N LEU C 45 -26.69 14.23 2.76
CA LEU C 45 -25.25 13.98 2.81
C LEU C 45 -25.14 12.56 3.35
N VAL C 46 -24.57 11.65 2.58
CA VAL C 46 -24.43 10.27 3.01
C VAL C 46 -22.96 9.85 3.02
N PRO C 47 -22.60 8.91 3.92
CA PRO C 47 -21.22 8.42 4.03
C PRO C 47 -20.79 7.70 2.76
N ALA C 48 -19.54 7.95 2.34
CA ALA C 48 -19.02 7.27 1.16
C ALA C 48 -19.01 5.77 1.46
N LYS C 49 -18.79 5.46 2.74
CA LYS C 49 -18.75 4.06 3.19
C LYS C 49 -19.99 3.34 2.72
N GLU C 50 -21.12 4.01 2.81
CA GLU C 50 -22.40 3.44 2.41
C GLU C 50 -22.62 3.51 0.90
N ALA C 51 -22.46 4.70 0.33
CA ALA C 51 -22.66 4.88 -1.10
C ALA C 51 -21.81 3.92 -1.92
N ASN C 52 -20.57 3.68 -1.49
CA ASN C 52 -19.69 2.77 -2.22
C ASN C 52 -20.29 1.41 -2.49
N VAL C 53 -20.97 0.84 -1.50
CA VAL C 53 -21.57 -0.49 -1.67
C VAL C 53 -23.02 -0.47 -2.15
N LYS C 54 -23.76 0.57 -1.77
CA LYS C 54 -25.16 0.70 -2.17
C LYS C 54 -25.30 1.06 -3.64
N CYS C 55 -24.48 1.99 -4.12
CA CYS C 55 -24.55 2.41 -5.51
C CYS C 55 -23.16 2.68 -6.09
N PRO C 56 -22.34 1.64 -6.22
CA PRO C 56 -20.98 1.80 -6.77
C PRO C 56 -20.89 2.53 -8.10
N GLN C 57 -21.81 2.26 -9.03
CA GLN C 57 -21.73 2.93 -10.32
C GLN C 57 -22.02 4.42 -10.23
N VAL C 58 -22.88 4.81 -9.29
CA VAL C 58 -23.20 6.22 -9.09
C VAL C 58 -21.94 6.91 -8.57
N VAL C 59 -21.22 6.22 -7.68
CA VAL C 59 -19.99 6.76 -7.10
C VAL C 59 -18.93 6.88 -8.19
N ILE C 60 -18.77 5.82 -8.97
CA ILE C 60 -17.79 5.82 -10.05
C ILE C 60 -18.06 6.96 -11.02
N SER C 61 -19.34 7.17 -11.37
CA SER C 61 -19.70 8.25 -12.28
C SER C 61 -19.25 9.60 -11.74
N PHE C 62 -19.37 9.77 -10.43
CA PHE C 62 -18.96 11.02 -9.79
C PHE C 62 -17.47 11.24 -10.01
N TYR C 63 -16.68 10.21 -9.77
CA TYR C 63 -15.23 10.33 -9.93
C TYR C 63 -14.82 10.54 -11.38
N GLU C 64 -15.50 9.87 -12.31
CA GLU C 64 -15.17 9.99 -13.74
C GLU C 64 -15.43 11.37 -14.32
N GLU C 65 -16.24 12.18 -13.64
CA GLU C 65 -16.52 13.53 -14.13
C GLU C 65 -15.43 14.48 -13.68
N ARG C 66 -14.62 14.03 -12.73
CA ARG C 66 -13.59 14.88 -12.15
C ARG C 66 -12.15 14.39 -12.31
N LEU C 67 -11.90 13.62 -13.35
CA LEU C 67 -10.56 13.10 -13.61
C LEU C 67 -9.63 14.28 -13.87
N THR C 68 -8.51 14.32 -13.15
CA THR C 68 -7.56 15.42 -13.29
C THR C 68 -6.14 14.94 -13.53
N TRP C 69 -5.57 15.33 -14.66
CA TRP C 69 -4.18 14.99 -14.99
C TRP C 69 -3.34 16.25 -14.82
N HIS C 70 -2.23 16.11 -14.11
CA HIS C 70 -1.37 17.25 -13.82
C HIS C 70 -0.18 17.54 -14.72
N SER C 71 -0.01 18.83 -14.99
CA SER C 71 1.10 19.35 -15.79
C SER C 71 1.88 20.09 -14.72
N TYR C 72 3.20 19.89 -14.66
CA TYR C 72 3.99 20.55 -13.63
C TYR C 72 5.36 20.98 -14.12
N PRO C 73 5.91 22.05 -13.52
CA PRO C 73 7.22 22.57 -13.89
C PRO C 73 8.35 21.59 -13.57
N SER C 74 9.40 21.63 -14.36
CA SER C 74 10.55 20.76 -14.16
C SER C 74 11.46 21.33 -13.08
N LYS D 8 9.84 33.06 -8.98
CA LYS D 8 8.69 32.59 -8.15
C LYS D 8 9.08 31.43 -7.24
N PRO D 9 8.72 31.51 -5.95
CA PRO D 9 9.06 30.43 -5.03
C PRO D 9 8.34 29.15 -5.44
N ARG D 10 8.94 28.00 -5.15
CA ARG D 10 8.32 26.73 -5.50
C ARG D 10 8.43 25.76 -4.35
N GLY D 11 7.63 24.69 -4.40
CA GLY D 11 7.67 23.72 -3.34
C GLY D 11 7.22 24.33 -2.02
N PHE D 12 7.85 23.92 -0.93
CA PHE D 12 7.49 24.42 0.39
C PHE D 12 7.72 25.92 0.51
N ALA D 13 8.55 26.48 -0.37
CA ALA D 13 8.84 27.90 -0.34
C ALA D 13 7.60 28.75 -0.66
N ARG D 14 6.56 28.12 -1.18
CA ARG D 14 5.33 28.84 -1.51
C ARG D 14 4.54 29.14 -0.23
N GLY D 15 4.99 28.56 0.88
CA GLY D 15 4.32 28.78 2.15
C GLY D 15 2.92 28.21 2.26
N LEU D 16 2.64 27.19 1.45
CA LEU D 16 1.32 26.56 1.47
C LEU D 16 1.34 25.25 2.27
N GLU D 17 0.16 24.71 2.54
CA GLU D 17 0.04 23.47 3.32
C GLU D 17 -0.14 22.25 2.43
N PRO D 18 0.64 21.19 2.70
CA PRO D 18 0.52 19.98 1.90
C PRO D 18 -0.89 19.39 1.99
N GLU D 19 -1.44 18.96 0.86
CA GLU D 19 -2.75 18.34 0.87
C GLU D 19 -2.61 16.85 0.61
N ARG D 20 -1.97 16.51 -0.51
CA ARG D 20 -1.79 15.11 -0.86
C ARG D 20 -0.69 14.98 -1.91
N ILE D 21 0.14 13.95 -1.80
CA ILE D 21 1.18 13.71 -2.77
C ILE D 21 0.51 12.99 -3.93
N ILE D 22 0.75 13.46 -5.15
CA ILE D 22 0.14 12.89 -6.34
C ILE D 22 0.96 11.81 -7.04
N GLY D 23 2.28 11.92 -6.93
CA GLY D 23 3.13 10.93 -7.56
C GLY D 23 4.56 11.09 -7.07
N ALA D 24 5.45 10.22 -7.52
CA ALA D 24 6.83 10.27 -7.08
C ALA D 24 7.76 9.75 -8.17
N THR D 25 9.01 10.16 -8.13
CA THR D 25 10.00 9.70 -9.11
C THR D 25 11.40 9.99 -8.61
N ASP D 26 12.35 9.15 -9.01
CA ASP D 26 13.73 9.32 -8.62
C ASP D 26 14.60 9.56 -9.86
N SER D 27 13.95 9.93 -10.95
CA SER D 27 14.68 10.17 -12.21
C SER D 27 15.75 11.27 -12.09
N SER D 28 15.59 12.16 -11.11
CA SER D 28 16.54 13.25 -10.92
C SER D 28 17.78 12.83 -10.14
N GLY D 29 17.76 11.61 -9.61
CA GLY D 29 18.89 11.13 -8.83
C GLY D 29 18.52 11.04 -7.37
N GLU D 30 17.37 11.61 -7.02
CA GLU D 30 16.87 11.56 -5.66
C GLU D 30 15.36 11.45 -5.73
N LEU D 31 14.76 10.91 -4.69
CA LEU D 31 13.31 10.75 -4.68
C LEU D 31 12.61 12.10 -4.52
N MET D 32 11.72 12.39 -5.46
CA MET D 32 10.97 13.64 -5.44
C MET D 32 9.47 13.30 -5.44
N PHE D 33 8.69 14.12 -4.76
CA PHE D 33 7.24 13.94 -4.69
C PHE D 33 6.54 15.09 -5.40
N LEU D 34 5.48 14.79 -6.17
CA LEU D 34 4.71 15.84 -6.82
C LEU D 34 3.65 16.15 -5.77
N MET D 35 3.73 17.35 -5.19
CA MET D 35 2.83 17.75 -4.12
C MET D 35 1.68 18.67 -4.51
N LYS D 36 0.47 18.30 -4.12
CA LYS D 36 -0.64 19.20 -4.36
C LYS D 36 -0.77 19.92 -3.03
N TRP D 37 -0.83 21.25 -3.08
CA TRP D 37 -0.95 22.07 -1.88
C TRP D 37 -2.41 22.44 -1.70
N LYS D 38 -2.84 22.64 -0.46
CA LYS D 38 -4.22 23.01 -0.23
C LYS D 38 -4.52 24.33 -0.92
N ASN D 39 -5.69 24.43 -1.53
CA ASN D 39 -6.15 25.64 -2.20
C ASN D 39 -5.43 26.05 -3.49
N SER D 40 -4.62 25.16 -4.04
CA SER D 40 -3.93 25.44 -5.29
C SER D 40 -3.95 24.19 -6.16
N ASP D 41 -4.33 24.36 -7.42
CA ASP D 41 -4.37 23.24 -8.36
C ASP D 41 -3.08 23.12 -9.15
N GLU D 42 -2.08 23.92 -8.76
CA GLU D 42 -0.78 23.87 -9.41
C GLU D 42 0.17 23.13 -8.48
N ALA D 43 0.37 21.84 -8.78
CA ALA D 43 1.24 21.00 -7.98
C ALA D 43 2.67 21.12 -8.46
N ASP D 44 3.63 20.90 -7.57
CA ASP D 44 5.03 20.95 -7.96
C ASP D 44 5.87 19.97 -7.15
N LEU D 45 7.10 19.77 -7.60
CA LEU D 45 8.01 18.83 -6.96
C LEU D 45 8.72 19.27 -5.70
N VAL D 46 8.78 18.36 -4.73
CA VAL D 46 9.48 18.63 -3.48
C VAL D 46 10.31 17.39 -3.15
N PRO D 47 11.50 17.58 -2.58
CA PRO D 47 12.36 16.45 -2.22
C PRO D 47 11.69 15.58 -1.16
N ALA D 48 11.81 14.27 -1.30
CA ALA D 48 11.22 13.36 -0.31
C ALA D 48 11.88 13.63 1.04
N LYS D 49 13.17 13.95 1.01
CA LYS D 49 13.92 14.23 2.22
C LYS D 49 13.28 15.36 3.03
N GLU D 50 12.76 16.36 2.31
CA GLU D 50 12.11 17.49 2.95
C GLU D 50 10.70 17.14 3.41
N ALA D 51 9.92 16.53 2.52
CA ALA D 51 8.54 16.14 2.85
C ALA D 51 8.49 15.16 4.03
N ASN D 52 9.45 14.24 4.09
CA ASN D 52 9.49 13.28 5.17
C ASN D 52 9.48 13.97 6.52
N VAL D 53 10.18 15.10 6.60
CA VAL D 53 10.28 15.85 7.85
C VAL D 53 9.12 16.80 8.10
N LYS D 54 8.75 17.56 7.08
CA LYS D 54 7.68 18.55 7.19
C LYS D 54 6.24 18.05 7.22
N CYS D 55 5.95 16.97 6.49
CA CYS D 55 4.60 16.42 6.47
C CYS D 55 4.62 14.90 6.46
N PRO D 56 5.12 14.29 7.55
CA PRO D 56 5.22 12.83 7.68
C PRO D 56 3.95 12.03 7.43
N GLN D 57 2.80 12.50 7.92
CA GLN D 57 1.58 11.74 7.69
C GLN D 57 1.12 11.76 6.24
N VAL D 58 1.41 12.87 5.56
CA VAL D 58 1.05 13.01 4.15
C VAL D 58 1.90 12.01 3.36
N VAL D 59 3.17 11.88 3.72
CA VAL D 59 4.06 10.94 3.04
C VAL D 59 3.63 9.51 3.34
N ILE D 60 3.34 9.22 4.60
CA ILE D 60 2.91 7.89 4.99
C ILE D 60 1.64 7.49 4.25
N SER D 61 0.69 8.42 4.14
CA SER D 61 -0.56 8.14 3.44
C SER D 61 -0.29 7.76 1.99
N PHE D 62 0.57 8.52 1.33
CA PHE D 62 0.92 8.26 -0.07
C PHE D 62 1.36 6.81 -0.25
N TYR D 63 2.28 6.36 0.60
CA TYR D 63 2.79 4.98 0.51
C TYR D 63 1.76 3.92 0.91
N GLU D 64 1.14 4.13 2.07
CA GLU D 64 0.17 3.18 2.60
C GLU D 64 -0.94 2.80 1.63
N GLU D 65 -1.48 3.78 0.91
CA GLU D 65 -2.57 3.52 -0.02
C GLU D 65 -2.12 2.92 -1.35
N ARG D 66 -0.83 2.61 -1.46
CA ARG D 66 -0.28 2.04 -2.69
C ARG D 66 0.39 0.69 -2.47
N LEU D 67 0.17 0.10 -1.28
CA LEU D 67 0.77 -1.18 -0.97
C LEU D 67 0.14 -2.34 -1.73
N THR D 68 0.99 -3.23 -2.26
CA THR D 68 0.51 -4.41 -2.96
C THR D 68 1.49 -5.53 -2.64
N TRP D 69 1.04 -6.78 -2.68
CA TRP D 69 1.94 -7.88 -2.40
C TRP D 69 2.79 -8.03 -3.65
N HIS D 70 4.06 -8.39 -3.47
CA HIS D 70 4.98 -8.53 -4.59
C HIS D 70 6.04 -9.56 -4.24
N SER D 71 6.51 -10.33 -5.22
CA SER D 71 7.53 -11.33 -4.93
C SER D 71 8.82 -10.60 -4.57
N TYR D 72 9.69 -11.27 -3.84
CA TYR D 72 10.95 -10.66 -3.44
C TYR D 72 12.01 -11.03 -4.47
N PRO D 73 12.53 -10.03 -5.20
CA PRO D 73 13.56 -10.27 -6.22
C PRO D 73 14.77 -11.02 -5.67
N SER D 74 15.52 -11.65 -6.57
CA SER D 74 16.70 -12.43 -6.21
C SER D 74 17.71 -11.65 -5.36
N PRO E 9 2.73 -8.59 27.85
CA PRO E 9 2.42 -7.46 26.94
C PRO E 9 3.31 -7.51 25.70
N ARG E 10 2.83 -6.90 24.62
CA ARG E 10 3.59 -6.86 23.38
C ARG E 10 3.43 -5.53 22.67
N GLY E 11 4.07 -5.38 21.51
CA GLY E 11 3.97 -4.14 20.77
C GLY E 11 4.57 -3.01 21.56
N PHE E 12 4.05 -1.80 21.36
CA PHE E 12 4.56 -0.64 22.07
C PHE E 12 4.39 -0.79 23.58
N ALA E 13 3.55 -1.74 23.99
CA ALA E 13 3.31 -1.99 25.40
C ALA E 13 4.58 -2.50 26.09
N ARG E 14 5.50 -3.07 25.31
CA ARG E 14 6.75 -3.57 25.85
C ARG E 14 7.60 -2.44 26.40
N GLY E 15 7.30 -1.22 25.96
CA GLY E 15 8.05 -0.07 26.42
C GLY E 15 9.46 -0.05 25.87
N LEU E 16 9.62 -0.43 24.61
CA LEU E 16 10.93 -0.44 23.96
C LEU E 16 10.92 0.53 22.79
N GLU E 17 12.10 1.00 22.40
CA GLU E 17 12.19 1.94 21.29
C GLU E 17 12.19 1.18 19.97
N PRO E 18 11.35 1.64 19.02
CA PRO E 18 11.31 0.95 17.72
C PRO E 18 12.65 1.12 17.00
N GLU E 19 13.12 0.05 16.37
CA GLU E 19 14.39 0.09 15.66
C GLU E 19 14.14 0.14 14.16
N ARG E 20 13.35 -0.80 13.67
CA ARG E 20 13.05 -0.88 12.25
C ARG E 20 11.96 -1.91 11.98
N ILE E 21 11.16 -1.67 10.94
CA ILE E 21 10.09 -2.58 10.56
C ILE E 21 10.69 -3.61 9.62
N ILE E 22 10.46 -4.89 9.90
CA ILE E 22 11.01 -5.94 9.06
C ILE E 22 9.99 -6.57 8.10
N GLY E 23 8.71 -6.29 8.33
CA GLY E 23 7.67 -6.82 7.48
C GLY E 23 6.33 -6.16 7.73
N ALA E 24 5.39 -6.36 6.81
CA ALA E 24 4.05 -5.78 6.96
C ALA E 24 3.04 -6.79 6.42
N THR E 25 1.84 -6.77 6.97
CA THR E 25 0.81 -7.68 6.51
C THR E 25 -0.58 -7.17 6.80
N ASP E 26 -1.51 -7.52 5.92
CA ASP E 26 -2.90 -7.11 6.04
C ASP E 26 -3.77 -8.35 6.24
N SER E 27 -3.14 -9.48 6.54
CA SER E 27 -3.86 -10.73 6.74
C SER E 27 -4.92 -10.67 7.85
N SER E 28 -4.71 -9.82 8.84
CA SER E 28 -5.67 -9.70 9.94
C SER E 28 -6.86 -8.82 9.60
N GLY E 29 -6.78 -8.11 8.49
CA GLY E 29 -7.87 -7.23 8.09
C GLY E 29 -7.45 -5.78 8.19
N GLU E 30 -6.40 -5.54 8.97
CA GLU E 30 -5.85 -4.20 9.14
C GLU E 30 -4.35 -4.28 8.91
N LEU E 31 -3.75 -3.17 8.52
CA LEU E 31 -2.30 -3.17 8.27
C LEU E 31 -1.52 -3.27 9.56
N MET E 32 -0.64 -4.27 9.63
CA MET E 32 0.19 -4.50 10.80
C MET E 32 1.66 -4.53 10.38
N PHE E 33 2.53 -4.03 11.26
CA PHE E 33 3.97 -4.00 11.02
C PHE E 33 4.70 -4.92 11.99
N LEU E 34 5.65 -5.71 11.49
CA LEU E 34 6.43 -6.57 12.36
C LEU E 34 7.58 -5.67 12.80
N MET E 35 7.50 -5.19 14.04
CA MET E 35 8.49 -4.28 14.57
C MET E 35 9.66 -4.91 15.30
N LYS E 36 10.86 -4.45 14.96
CA LYS E 36 12.09 -4.92 15.60
C LYS E 36 12.47 -3.81 16.58
N TRP E 37 12.50 -4.14 17.87
CA TRP E 37 12.82 -3.15 18.90
C TRP E 37 14.31 -3.11 19.24
N LYS E 38 14.78 -1.93 19.65
CA LYS E 38 16.17 -1.74 20.03
C LYS E 38 16.51 -2.58 21.26
N ASN E 39 17.62 -3.29 21.19
CA ASN E 39 18.08 -4.13 22.29
C ASN E 39 17.08 -5.23 22.64
N SER E 40 16.72 -6.03 21.64
CA SER E 40 15.78 -7.13 21.82
C SER E 40 15.71 -7.99 20.58
N ASP E 41 15.82 -9.30 20.75
CA ASP E 41 15.76 -10.24 19.62
C ASP E 41 14.32 -10.63 19.30
N GLU E 42 13.37 -10.16 20.10
CA GLU E 42 11.97 -10.49 19.87
C GLU E 42 11.17 -9.37 19.22
N ALA E 43 10.68 -9.65 18.02
CA ALA E 43 9.87 -8.70 17.27
C ALA E 43 8.40 -9.10 17.38
N ASP E 44 7.53 -8.10 17.38
CA ASP E 44 6.10 -8.35 17.47
C ASP E 44 5.33 -7.44 16.53
N LEU E 45 4.09 -7.80 16.23
CA LEU E 45 3.25 -7.04 15.34
C LEU E 45 2.59 -5.86 16.07
N VAL E 46 2.58 -4.71 15.41
CA VAL E 46 1.95 -3.50 15.95
C VAL E 46 1.08 -2.91 14.86
N PRO E 47 -0.05 -2.28 15.23
CA PRO E 47 -0.94 -1.67 14.25
C PRO E 47 -0.23 -0.54 13.51
N ALA E 48 -0.41 -0.47 12.19
CA ALA E 48 0.22 0.58 11.40
C ALA E 48 -0.32 1.93 11.86
N LYS E 49 -1.60 1.94 12.23
CA LYS E 49 -2.27 3.14 12.71
C LYS E 49 -1.50 3.71 13.90
N GLU E 50 -0.97 2.82 14.74
CA GLU E 50 -0.22 3.23 15.92
C GLU E 50 1.22 3.60 15.58
N ALA E 51 1.89 2.77 14.78
CA ALA E 51 3.28 3.07 14.42
C ALA E 51 3.37 4.38 13.64
N ASN E 52 2.36 4.64 12.82
CA ASN E 52 2.33 5.86 12.01
C ASN E 52 2.56 7.14 12.82
N VAL E 53 1.97 7.21 14.00
CA VAL E 53 2.13 8.40 14.83
C VAL E 53 3.27 8.32 15.85
N LYS E 54 3.50 7.13 16.41
CA LYS E 54 4.56 6.96 17.41
C LYS E 54 5.98 6.96 16.86
N CYS E 55 6.16 6.48 15.63
CA CYS E 55 7.48 6.47 15.01
C CYS E 55 7.34 6.67 13.51
N PRO E 56 6.82 7.83 13.09
CA PRO E 56 6.64 8.15 11.66
C PRO E 56 7.86 7.97 10.78
N GLN E 57 9.05 8.31 11.27
CA GLN E 57 10.25 8.17 10.44
C GLN E 57 10.63 6.71 10.23
N VAL E 58 10.33 5.86 11.22
CA VAL E 58 10.63 4.42 11.09
C VAL E 58 9.71 3.85 10.02
N VAL E 59 8.46 4.33 10.00
CA VAL E 59 7.50 3.86 9.01
C VAL E 59 7.91 4.36 7.62
N ILE E 60 8.27 5.63 7.54
CA ILE E 60 8.68 6.22 6.26
C ILE E 60 9.92 5.51 5.72
N SER E 61 10.88 5.23 6.59
CA SER E 61 12.10 4.55 6.17
C SER E 61 11.75 3.19 5.59
N PHE E 62 10.85 2.48 6.26
CA PHE E 62 10.40 1.18 5.82
C PHE E 62 9.86 1.23 4.39
N TYR E 63 8.90 2.11 4.15
CA TYR E 63 8.28 2.28 2.84
C TYR E 63 9.24 2.74 1.75
N GLU E 64 10.02 3.76 2.05
CA GLU E 64 10.96 4.31 1.08
C GLU E 64 11.95 3.28 0.57
N GLU E 65 12.42 2.41 1.46
CA GLU E 65 13.38 1.37 1.09
C GLU E 65 12.79 0.30 0.19
N ARG E 66 11.47 0.13 0.26
CA ARG E 66 10.80 -0.89 -0.52
C ARG E 66 10.00 -0.37 -1.70
N LEU E 67 10.05 0.94 -1.92
CA LEU E 67 9.35 1.57 -3.03
C LEU E 67 9.73 0.80 -4.30
N THR E 68 8.72 0.28 -4.99
CA THR E 68 8.93 -0.50 -6.20
C THR E 68 8.24 0.14 -7.40
N TRP E 69 9.01 0.39 -8.47
CA TRP E 69 8.46 1.01 -9.66
C TRP E 69 7.91 0.01 -10.66
N HIS E 70 6.88 0.44 -11.38
CA HIS E 70 6.26 -0.37 -12.44
C HIS E 70 5.82 0.60 -13.53
N SER E 71 6.47 0.54 -14.68
CA SER E 71 6.13 1.43 -15.79
C SER E 71 4.85 1.04 -16.50
N TYR E 72 4.32 1.96 -17.32
CA TYR E 72 3.13 1.69 -18.11
C TYR E 72 3.63 0.99 -19.37
N PRO E 73 2.89 -0.02 -19.85
CA PRO E 73 3.31 -0.72 -21.07
C PRO E 73 3.36 0.21 -22.28
N SER E 74 2.20 0.46 -22.87
CA SER E 74 2.06 1.32 -24.04
C SER E 74 0.70 1.12 -24.70
#